data_2VEF
#
_entry.id   2VEF
#
_cell.length_a   45.613
_cell.length_b   90.382
_cell.length_c   138.656
_cell.angle_alpha   90.00
_cell.angle_beta   90.00
_cell.angle_gamma   90.00
#
_symmetry.space_group_name_H-M   'P 21 21 21'
#
loop_
_entity.id
_entity.type
_entity.pdbx_description
1 polymer 'DIHYDROPTEROATE SYNTHASE'
2 non-polymer 'PHOSPHATE ION'
3 water water
#
_entity_poly.entity_id   1
_entity_poly.type   'polypeptide(L)'
_entity_poly.pdbx_seq_one_letter_code
;MSSKANHAKTVICGIINVTPDSFSDGGQFFALEQALQQARKLIAEGASMLDIGGESTRPGSSYVEIEEEIQRVVPVIKAI
RKESDVLISIDTWKSQVAEAALAAGADLVNDITGLMGDEKMPHVVAEARAQVVIMFNPVMARPQHPSSLIFPHFGFGQAF
TEEELADFETLPIEELMEAFFERALARAAEAGIAPENILLDPGIGFGLTKKENLLLLRDLDKLHQKGYPIFLGVSRKRFV
INILEENGFEVNPETELGFRNRDTASAHVTSIAARQGVEVVRVHDVASHRMAVEIASAIRLADEAENLDLKQYK
;
_entity_poly.pdbx_strand_id   A,B
#
loop_
_chem_comp.id
_chem_comp.type
_chem_comp.name
_chem_comp.formula
PO4 non-polymer 'PHOSPHATE ION' 'O4 P -3'
#
# COMPACT_ATOMS: atom_id res chain seq x y z
N HIS A 7 8.02 13.45 9.97
CA HIS A 7 9.33 13.02 9.45
C HIS A 7 9.29 13.19 7.92
N ALA A 8 10.39 12.86 7.26
CA ALA A 8 10.49 12.98 5.78
C ALA A 8 9.89 11.78 5.05
N LYS A 9 9.34 12.03 3.86
CA LYS A 9 8.78 10.98 3.07
C LYS A 9 9.87 9.96 2.73
N THR A 10 9.42 8.76 2.42
CA THR A 10 10.30 7.68 2.03
C THR A 10 11.16 8.10 0.83
N VAL A 11 12.46 7.90 0.95
CA VAL A 11 13.46 8.01 -0.13
C VAL A 11 13.41 6.79 -1.04
N ILE A 12 13.43 7.02 -2.34
CA ILE A 12 13.53 5.94 -3.30
C ILE A 12 14.95 5.83 -3.84
N CYS A 13 15.51 4.66 -3.60
CA CYS A 13 16.85 4.32 -4.03
C CYS A 13 16.77 3.39 -5.23
N GLY A 14 17.22 3.90 -6.38
CA GLY A 14 17.19 3.12 -7.59
C GLY A 14 18.38 2.17 -7.70
N ILE A 15 18.10 0.97 -8.20
CA ILE A 15 19.14 -0.06 -8.41
C ILE A 15 19.87 0.09 -9.75
N ILE A 16 21.19 0.15 -9.65
CA ILE A 16 22.07 0.13 -10.83
C ILE A 16 23.05 -1.04 -10.67
N ASN A 17 22.86 -2.10 -11.47
CA ASN A 17 23.79 -3.22 -11.46
C ASN A 17 24.69 -3.11 -12.67
N VAL A 18 25.97 -3.07 -12.44
CA VAL A 18 26.94 -2.98 -13.52
C VAL A 18 27.37 -4.43 -13.91
N THR A 19 26.94 -4.80 -15.11
CA THR A 19 27.23 -6.15 -15.69
C THR A 19 28.68 -6.30 -16.17
N PRO A 20 29.36 -7.35 -15.66
CA PRO A 20 30.64 -7.85 -16.16
C PRO A 20 30.49 -8.42 -17.58
N PHE A 30 31.34 -0.11 -22.57
CA PHE A 30 29.88 -0.17 -22.82
C PHE A 30 28.99 -0.35 -21.59
N ALA A 31 29.49 -1.12 -20.63
CA ALA A 31 28.79 -1.35 -19.33
C ALA A 31 28.70 -0.05 -18.60
N LEU A 32 29.77 0.76 -18.71
CA LEU A 32 29.77 2.10 -18.12
C LEU A 32 28.59 2.88 -18.70
N GLU A 33 28.50 2.92 -20.04
CA GLU A 33 27.47 3.76 -20.67
C GLU A 33 26.03 3.27 -20.36
N GLN A 34 25.78 1.94 -20.30
CA GLN A 34 24.50 1.42 -19.95
C GLN A 34 24.09 1.78 -18.48
N ALA A 35 25.04 1.63 -17.57
CA ALA A 35 24.84 1.98 -16.15
C ALA A 35 24.52 3.47 -16.03
N LEU A 36 25.23 4.27 -16.82
CA LEU A 36 25.10 5.71 -16.81
C LEU A 36 23.73 6.12 -17.37
N GLN A 37 23.33 5.49 -18.48
CA GLN A 37 21.94 5.66 -19.03
C GLN A 37 20.88 5.38 -17.99
N GLN A 38 21.02 4.25 -17.26
CA GLN A 38 20.02 3.88 -16.28
C GLN A 38 20.00 4.90 -15.12
N ALA A 39 21.18 5.34 -14.70
CA ALA A 39 21.35 6.40 -13.66
C ALA A 39 20.55 7.70 -14.03
N ARG A 40 20.75 8.20 -15.23
CA ARG A 40 19.97 9.32 -15.75
C ARG A 40 18.46 9.05 -15.73
N LYS A 41 18.05 7.82 -16.18
CA LYS A 41 16.64 7.43 -16.24
C LYS A 41 16.01 7.49 -14.83
N LEU A 42 16.66 6.82 -13.88
CA LEU A 42 16.17 6.72 -12.50
C LEU A 42 16.14 8.10 -11.79
N ILE A 43 17.19 8.90 -11.95
CA ILE A 43 17.22 10.25 -11.43
C ILE A 43 16.00 11.02 -11.99
N ALA A 44 15.75 10.89 -13.29
CA ALA A 44 14.62 11.69 -13.92
C ALA A 44 13.25 11.19 -13.40
N GLU A 45 13.15 9.90 -12.99
CA GLU A 45 11.92 9.30 -12.42
C GLU A 45 11.76 9.64 -10.92
N GLY A 46 12.71 10.35 -10.33
CA GLY A 46 12.60 10.89 -8.96
C GLY A 46 13.35 10.11 -7.89
N ALA A 47 14.38 9.35 -8.29
CA ALA A 47 15.22 8.58 -7.30
C ALA A 47 16.01 9.65 -6.52
N SER A 48 16.06 9.55 -5.17
CA SER A 48 16.87 10.40 -4.34
C SER A 48 18.18 9.75 -3.91
N MET A 49 18.37 8.49 -4.27
CA MET A 49 19.55 7.73 -4.02
C MET A 49 19.71 6.70 -5.18
N LEU A 50 20.97 6.38 -5.50
CA LEU A 50 21.30 5.29 -6.39
C LEU A 50 22.18 4.26 -5.70
N ASP A 51 21.77 3.00 -5.80
CA ASP A 51 22.59 1.90 -5.29
C ASP A 51 23.36 1.20 -6.42
N ILE A 52 24.66 1.42 -6.46
CA ILE A 52 25.53 0.94 -7.52
C ILE A 52 26.17 -0.35 -7.04
N GLY A 53 25.95 -1.42 -7.81
CA GLY A 53 26.51 -2.76 -7.52
C GLY A 53 27.28 -3.32 -8.69
N GLY A 54 28.45 -3.85 -8.43
CA GLY A 54 29.26 -4.55 -9.42
C GLY A 54 29.64 -6.00 -9.12
N GLU A 55 28.99 -6.65 -8.15
CA GLU A 55 29.35 -8.01 -7.78
C GLU A 55 29.02 -8.97 -8.93
N SER A 56 30.01 -9.78 -9.24
CA SER A 56 29.94 -11.04 -9.96
C SER A 56 30.19 -11.08 -11.45
N SER A 62 39.04 -12.82 -3.72
CA SER A 62 40.42 -12.75 -4.23
C SER A 62 40.73 -11.34 -4.72
N TYR A 63 42.03 -11.07 -4.87
CA TYR A 63 42.42 -9.75 -5.33
C TYR A 63 41.92 -9.51 -6.76
N VAL A 64 42.02 -10.49 -7.63
CA VAL A 64 41.50 -10.34 -8.98
C VAL A 64 40.02 -9.96 -8.97
N GLU A 65 39.22 -10.61 -8.13
CA GLU A 65 37.79 -10.35 -8.09
C GLU A 65 37.46 -8.94 -7.60
N ILE A 66 38.17 -8.51 -6.55
CA ILE A 66 38.01 -7.20 -5.96
C ILE A 66 38.32 -6.08 -6.97
N GLU A 67 39.45 -6.25 -7.66
CA GLU A 67 39.87 -5.27 -8.67
C GLU A 67 38.89 -5.12 -9.84
N GLU A 68 38.38 -6.26 -10.32
CA GLU A 68 37.35 -6.23 -11.36
C GLU A 68 36.09 -5.56 -10.89
N GLU A 69 35.68 -5.82 -9.64
CA GLU A 69 34.52 -5.18 -9.05
C GLU A 69 34.72 -3.62 -8.94
N ILE A 70 35.88 -3.20 -8.42
CA ILE A 70 36.26 -1.78 -8.35
C ILE A 70 36.15 -1.13 -9.73
N GLN A 71 36.71 -1.81 -10.74
CA GLN A 71 36.74 -1.24 -12.10
C GLN A 71 35.35 -1.13 -12.75
N ARG A 72 34.38 -1.89 -12.25
CA ARG A 72 32.99 -1.76 -12.69
C ARG A 72 32.31 -0.56 -12.09
N VAL A 73 32.44 -0.44 -10.77
CA VAL A 73 31.67 0.55 -9.98
C VAL A 73 32.29 1.97 -9.97
N VAL A 74 33.60 2.05 -9.88
CA VAL A 74 34.26 3.34 -9.72
C VAL A 74 34.03 4.30 -10.92
N PRO A 75 34.25 3.83 -12.16
CA PRO A 75 33.89 4.66 -13.32
C PRO A 75 32.48 5.20 -13.32
N VAL A 76 31.51 4.38 -12.93
CA VAL A 76 30.15 4.75 -12.95
C VAL A 76 29.87 5.82 -11.89
N ILE A 77 30.38 5.62 -10.68
CA ILE A 77 30.20 6.56 -9.59
C ILE A 77 30.79 7.97 -9.94
N LYS A 78 32.02 8.00 -10.45
CA LYS A 78 32.66 9.26 -10.96
C LYS A 78 31.78 9.95 -12.01
N ALA A 79 31.25 9.19 -12.96
CA ALA A 79 30.43 9.72 -14.07
C ALA A 79 29.14 10.35 -13.54
N ILE A 80 28.48 9.63 -12.63
CA ILE A 80 27.26 10.11 -12.06
C ILE A 80 27.54 11.40 -11.24
N ARG A 81 28.59 11.36 -10.44
CA ARG A 81 28.95 12.51 -9.58
C ARG A 81 29.21 13.81 -10.36
N LYS A 82 29.77 13.70 -11.58
CA LYS A 82 30.02 14.87 -12.42
C LYS A 82 28.76 15.65 -12.77
N GLU A 83 27.65 14.96 -12.89
CA GLU A 83 26.39 15.59 -13.32
C GLU A 83 25.24 15.53 -12.32
N SER A 84 25.52 14.93 -11.16
CA SER A 84 24.50 14.84 -10.15
C SER A 84 25.05 14.82 -8.72
N ASP A 85 24.32 15.50 -7.85
CA ASP A 85 24.55 15.48 -6.41
C ASP A 85 23.76 14.35 -5.71
N VAL A 86 23.09 13.45 -6.48
CA VAL A 86 22.27 12.41 -5.88
C VAL A 86 23.07 11.57 -4.88
N LEU A 87 22.43 11.14 -3.81
CA LEU A 87 23.10 10.24 -2.88
C LEU A 87 23.45 8.92 -3.61
N ILE A 88 24.67 8.48 -3.40
CA ILE A 88 25.17 7.25 -4.01
C ILE A 88 25.54 6.27 -2.94
N SER A 89 24.92 5.09 -3.06
CA SER A 89 25.25 3.97 -2.23
C SER A 89 26.13 2.96 -3.02
N ILE A 90 27.19 2.46 -2.38
CA ILE A 90 27.96 1.38 -2.99
C ILE A 90 27.47 0.04 -2.40
N ASP A 91 26.95 -0.81 -3.27
CA ASP A 91 26.42 -2.12 -2.88
C ASP A 91 27.57 -3.15 -2.96
N THR A 92 28.28 -3.35 -1.83
CA THR A 92 29.37 -4.32 -1.73
C THR A 92 29.51 -4.74 -0.26
N TRP A 93 29.97 -5.97 -0.09
CA TRP A 93 30.40 -6.51 1.22
C TRP A 93 31.92 -6.55 1.35
N LYS A 94 32.64 -6.13 0.30
CA LYS A 94 34.10 -6.09 0.31
C LYS A 94 34.66 -4.71 0.70
N SER A 95 35.43 -4.68 1.80
CA SER A 95 36.00 -3.41 2.32
C SER A 95 36.76 -2.63 1.24
N GLN A 96 37.52 -3.35 0.41
CA GLN A 96 38.40 -2.74 -0.63
C GLN A 96 37.57 -2.01 -1.72
N VAL A 97 36.41 -2.57 -2.03
CA VAL A 97 35.51 -2.00 -3.00
C VAL A 97 34.84 -0.77 -2.43
N ALA A 98 34.39 -0.86 -1.18
CA ALA A 98 33.75 0.23 -0.50
C ALA A 98 34.74 1.39 -0.38
N GLU A 99 35.94 1.11 0.06
CA GLU A 99 36.94 2.17 0.25
C GLU A 99 37.16 2.96 -1.05
N ALA A 100 37.28 2.24 -2.16
CA ALA A 100 37.53 2.82 -3.48
C ALA A 100 36.31 3.62 -3.96
N ALA A 101 35.12 3.09 -3.72
CA ALA A 101 33.87 3.71 -4.13
C ALA A 101 33.52 4.96 -3.32
N LEU A 102 33.76 4.91 -2.01
CA LEU A 102 33.60 6.09 -1.16
C LEU A 102 34.54 7.21 -1.54
N ALA A 103 35.79 6.87 -1.83
CA ALA A 103 36.80 7.84 -2.29
C ALA A 103 36.35 8.50 -3.64
N ALA A 104 35.63 7.76 -4.46
CA ALA A 104 35.22 8.19 -5.80
C ALA A 104 33.93 9.01 -5.75
N GLY A 105 33.30 9.12 -4.57
CA GLY A 105 32.03 9.89 -4.45
C GLY A 105 30.83 9.25 -3.80
N ALA A 106 30.90 7.95 -3.54
CA ALA A 106 29.76 7.29 -2.86
C ALA A 106 29.63 7.88 -1.44
N ASP A 107 28.40 7.96 -0.99
CA ASP A 107 28.02 8.51 0.31
C ASP A 107 27.79 7.44 1.38
N LEU A 108 27.36 6.25 0.98
CA LEU A 108 27.08 5.19 1.93
C LEU A 108 27.39 3.83 1.34
N VAL A 109 27.57 2.85 2.22
CA VAL A 109 27.86 1.45 1.85
C VAL A 109 26.60 0.70 2.12
N ASN A 110 26.13 -0.05 1.14
CA ASN A 110 25.04 -1.00 1.31
C ASN A 110 25.65 -2.42 1.38
N ASP A 111 25.73 -2.97 2.59
CA ASP A 111 26.44 -4.20 2.82
C ASP A 111 25.46 -5.33 3.06
N ILE A 112 25.31 -6.19 2.04
CA ILE A 112 24.38 -7.32 2.14
C ILE A 112 24.77 -8.34 3.21
N THR A 113 26.00 -8.26 3.73
CA THR A 113 26.43 -9.18 4.81
C THR A 113 26.37 -8.52 6.17
N GLY A 114 25.94 -7.26 6.19
CA GLY A 114 25.77 -6.50 7.45
C GLY A 114 26.99 -6.48 8.34
N LEU A 115 28.15 -6.18 7.73
CA LEU A 115 29.44 -6.06 8.39
C LEU A 115 30.06 -7.38 8.82
N MET A 116 29.39 -8.50 8.52
CA MET A 116 29.86 -9.81 8.85
C MET A 116 30.71 -10.47 7.76
N GLY A 117 30.69 -9.96 6.53
CA GLY A 117 31.44 -10.59 5.45
C GLY A 117 32.89 -10.16 5.39
N ASP A 118 33.20 -8.96 5.86
CA ASP A 118 34.60 -8.50 5.90
C ASP A 118 34.90 -7.72 7.19
N GLU A 119 35.79 -8.29 8.01
CA GLU A 119 36.21 -7.69 9.28
C GLU A 119 36.75 -6.26 9.12
N LYS A 120 37.24 -5.95 7.95
CA LYS A 120 37.78 -4.62 7.67
C LYS A 120 36.71 -3.58 7.30
N MET A 121 35.54 -4.05 6.88
CA MET A 121 34.48 -3.15 6.47
C MET A 121 34.09 -2.05 7.51
N PRO A 122 33.87 -2.41 8.80
CA PRO A 122 33.59 -1.36 9.81
C PRO A 122 34.58 -0.20 9.84
N HIS A 123 35.89 -0.50 9.83
CA HIS A 123 36.95 0.50 9.81
C HIS A 123 36.85 1.42 8.59
N VAL A 124 36.53 0.83 7.43
CA VAL A 124 36.45 1.58 6.17
C VAL A 124 35.28 2.55 6.27
N VAL A 125 34.17 2.05 6.78
CA VAL A 125 32.98 2.88 6.95
C VAL A 125 33.26 4.03 7.96
N ALA A 126 33.80 3.69 9.11
CA ALA A 126 34.16 4.71 10.13
C ALA A 126 35.13 5.78 9.60
N GLU A 127 36.20 5.35 8.94
CA GLU A 127 37.24 6.31 8.51
C GLU A 127 36.64 7.32 7.52
N ALA A 128 35.73 6.85 6.67
CA ALA A 128 35.08 7.70 5.67
C ALA A 128 33.96 8.58 6.23
N ARG A 129 33.60 8.40 7.50
CA ARG A 129 32.42 9.03 8.13
C ARG A 129 31.17 8.79 7.29
N ALA A 130 31.10 7.61 6.67
CA ALA A 130 30.01 7.28 5.73
C ALA A 130 28.83 6.65 6.48
N GLN A 131 27.69 6.60 5.81
CA GLN A 131 26.56 5.85 6.37
C GLN A 131 26.73 4.39 5.93
N VAL A 132 26.10 3.48 6.65
CA VAL A 132 26.10 2.10 6.28
C VAL A 132 24.72 1.41 6.45
N VAL A 133 24.31 0.68 5.43
CA VAL A 133 23.16 -0.22 5.53
C VAL A 133 23.69 -1.57 6.00
N ILE A 134 23.21 -1.99 7.17
CA ILE A 134 23.52 -3.32 7.78
C ILE A 134 22.32 -4.23 7.43
N MET A 135 22.52 -5.09 6.42
CA MET A 135 21.48 -6.12 6.09
C MET A 135 21.55 -7.38 6.95
N PHE A 136 20.39 -7.81 7.46
CA PHE A 136 20.24 -9.09 8.06
C PHE A 136 20.43 -10.12 6.91
N ASN A 137 21.42 -11.02 7.03
CA ASN A 137 21.67 -12.00 5.94
C ASN A 137 21.36 -13.41 6.44
N PRO A 138 20.11 -13.89 6.19
CA PRO A 138 19.72 -15.23 6.69
C PRO A 138 20.47 -16.33 5.99
N VAL A 139 20.96 -16.08 4.77
CA VAL A 139 21.77 -17.08 4.08
C VAL A 139 23.04 -17.39 4.87
N MET A 140 23.74 -16.36 5.34
CA MET A 140 24.95 -16.56 6.20
C MET A 140 24.56 -17.12 7.55
N ALA A 141 23.43 -16.65 8.07
CA ALA A 141 22.90 -17.12 9.36
C ALA A 141 22.45 -18.58 9.35
N ARG A 142 21.88 -19.02 8.24
CA ARG A 142 21.40 -20.43 8.08
C ARG A 142 21.86 -21.04 6.75
N PRO A 143 23.12 -21.45 6.67
CA PRO A 143 23.64 -21.91 5.38
C PRO A 143 22.97 -23.20 4.86
N GLN A 144 22.65 -24.15 5.74
CA GLN A 144 21.95 -25.39 5.32
C GLN A 144 20.43 -25.23 5.15
N HIS A 145 19.85 -24.07 5.53
CA HIS A 145 18.39 -23.90 5.40
C HIS A 145 18.00 -24.14 3.94
N PRO A 146 16.88 -24.84 3.70
CA PRO A 146 16.30 -25.10 2.38
C PRO A 146 16.17 -23.89 1.44
N SER A 147 15.72 -22.75 1.97
CA SER A 147 15.63 -21.50 1.19
C SER A 147 16.97 -20.83 0.86
N SER A 148 18.00 -21.16 1.59
CA SER A 148 19.31 -20.56 1.42
C SER A 148 20.20 -21.33 0.44
N LEU A 149 19.90 -22.62 0.24
CA LEU A 149 20.71 -23.57 -0.57
C LEU A 149 21.16 -23.06 -1.97
N ILE A 150 20.27 -22.30 -2.65
CA ILE A 150 20.45 -21.85 -4.03
C ILE A 150 21.26 -20.57 -4.15
N PHE A 151 21.58 -19.97 -2.99
CA PHE A 151 22.33 -18.73 -2.91
C PHE A 151 23.82 -19.00 -2.90
N PRO A 152 24.64 -18.00 -3.29
CA PRO A 152 26.08 -18.13 -3.19
C PRO A 152 26.58 -18.00 -1.73
N HIS A 153 27.89 -18.15 -1.55
CA HIS A 153 28.56 -17.82 -0.30
C HIS A 153 28.95 -16.33 -0.23
N PHE A 154 28.36 -15.65 0.74
CA PHE A 154 28.71 -14.27 1.04
C PHE A 154 29.79 -14.22 2.11
N GLY A 155 30.81 -13.40 1.88
CA GLY A 155 31.81 -13.11 2.92
C GLY A 155 33.17 -13.77 2.83
N PHE A 156 34.17 -13.12 3.45
CA PHE A 156 35.54 -13.64 3.59
C PHE A 156 35.62 -14.44 4.90
N ALA A 159 33.06 -16.13 10.71
CA ALA A 159 31.77 -15.36 10.62
C ALA A 159 30.91 -15.65 11.86
N PHE A 160 30.32 -16.84 11.87
CA PHE A 160 29.67 -17.37 13.05
C PHE A 160 30.29 -18.69 13.46
N THR A 161 30.34 -18.91 14.77
CA THR A 161 30.83 -20.15 15.42
C THR A 161 29.90 -21.35 15.20
N GLU A 162 30.33 -22.48 15.75
CA GLU A 162 29.65 -23.78 15.58
C GLU A 162 28.29 -23.87 16.33
N LEU A 165 25.64 -20.96 15.17
CA LEU A 165 24.98 -21.48 13.92
C LEU A 165 23.96 -22.57 14.20
N ALA A 166 24.37 -23.53 15.05
CA ALA A 166 23.50 -24.57 15.57
C ALA A 166 22.25 -23.93 16.13
N ASP A 167 22.45 -22.93 17.01
CA ASP A 167 21.36 -22.19 17.66
C ASP A 167 20.52 -21.44 16.64
N PHE A 168 21.18 -20.75 15.70
CA PHE A 168 20.53 -20.00 14.62
C PHE A 168 19.57 -20.84 13.80
N GLU A 169 20.01 -22.08 13.50
CA GLU A 169 19.23 -23.05 12.73
C GLU A 169 17.80 -23.18 13.26
N THR A 170 17.67 -23.16 14.59
CA THR A 170 16.38 -23.32 15.29
C THR A 170 15.54 -22.02 15.47
N LEU A 171 16.20 -20.86 15.64
CA LEU A 171 15.55 -19.66 16.17
C LEU A 171 14.42 -19.13 15.29
N PRO A 172 13.30 -18.71 15.92
CA PRO A 172 12.27 -17.96 15.21
C PRO A 172 12.89 -16.76 14.52
N ILE A 173 12.48 -16.55 13.27
CA ILE A 173 13.13 -15.53 12.42
C ILE A 173 13.36 -14.15 13.05
N GLU A 174 12.42 -13.67 13.86
CA GLU A 174 12.62 -12.33 14.45
C GLU A 174 13.73 -12.34 15.52
N GLU A 175 13.78 -13.39 16.33
CA GLU A 175 14.88 -13.67 17.24
C GLU A 175 16.23 -13.83 16.53
N LEU A 176 16.23 -14.47 15.36
CA LEU A 176 17.46 -14.64 14.60
C LEU A 176 17.92 -13.27 14.05
N MET A 177 16.98 -12.48 13.54
CA MET A 177 17.34 -11.15 13.04
C MET A 177 17.96 -10.32 14.17
N GLU A 178 17.33 -10.30 15.34
CA GLU A 178 17.88 -9.62 16.51
C GLU A 178 19.29 -10.11 16.85
N ALA A 179 19.50 -11.42 16.86
CA ALA A 179 20.81 -12.05 17.15
C ALA A 179 21.87 -11.63 16.17
N PHE A 180 21.53 -11.63 14.88
CA PHE A 180 22.43 -11.15 13.83
C PHE A 180 22.82 -9.66 13.99
N PHE A 181 21.83 -8.81 14.23
CA PHE A 181 22.05 -7.35 14.36
C PHE A 181 22.87 -7.03 15.60
N GLU A 182 22.63 -7.78 16.69
CA GLU A 182 23.46 -7.63 17.91
C GLU A 182 24.94 -7.77 17.56
N ARG A 183 25.27 -8.75 16.71
CA ARG A 183 26.65 -9.03 16.34
C ARG A 183 27.17 -7.97 15.41
N ALA A 184 26.39 -7.66 14.38
CA ALA A 184 26.74 -6.62 13.41
C ALA A 184 26.93 -5.24 14.10
N LEU A 185 26.04 -4.89 15.05
CA LEU A 185 26.10 -3.58 15.71
C LEU A 185 27.26 -3.46 16.67
N ALA A 186 27.64 -4.58 17.31
CA ALA A 186 28.88 -4.68 18.10
C ALA A 186 30.12 -4.40 17.24
N ARG A 187 30.09 -4.91 16.01
CA ARG A 187 31.19 -4.67 15.05
C ARG A 187 31.32 -3.19 14.66
N ALA A 188 30.18 -2.55 14.41
CA ALA A 188 30.10 -1.12 14.12
C ALA A 188 30.58 -0.27 15.31
N ALA A 189 30.17 -0.66 16.51
CA ALA A 189 30.58 0.06 17.71
C ALA A 189 32.10 0.01 17.99
N GLU A 190 32.76 -1.14 17.89
CA GLU A 190 34.24 -1.24 18.22
C GLU A 190 35.05 -0.51 17.08
N ALA A 191 34.44 -0.33 15.89
CA ALA A 191 35.07 0.51 14.82
C ALA A 191 34.84 2.03 15.00
N GLY A 192 33.89 2.39 15.86
CA GLY A 192 33.49 3.79 16.03
C GLY A 192 32.59 4.40 14.96
N ILE A 193 31.72 3.59 14.37
CA ILE A 193 30.71 4.08 13.45
C ILE A 193 29.66 4.73 14.34
N ALA A 194 29.35 5.99 14.06
CA ALA A 194 28.36 6.70 14.84
C ALA A 194 26.97 6.02 14.65
N PRO A 195 26.22 5.81 15.75
CA PRO A 195 24.90 5.16 15.68
C PRO A 195 23.93 5.82 14.65
N GLU A 196 24.01 7.14 14.55
CA GLU A 196 23.20 7.93 13.64
C GLU A 196 23.57 7.72 12.17
N ASN A 197 24.70 7.09 11.91
CA ASN A 197 25.11 6.73 10.54
C ASN A 197 24.71 5.31 10.03
N ILE A 198 23.91 4.61 10.84
CA ILE A 198 23.56 3.21 10.58
C ILE A 198 22.09 3.09 10.12
N LEU A 199 21.85 2.31 9.08
CA LEU A 199 20.52 1.91 8.67
C LEU A 199 20.45 0.38 8.77
N LEU A 200 19.23 -0.11 9.04
CA LEU A 200 18.95 -1.57 9.12
C LEU A 200 18.04 -1.99 7.96
N ASP A 201 18.35 -3.15 7.39
CA ASP A 201 17.64 -3.75 6.28
C ASP A 201 17.31 -5.17 6.75
N PRO A 202 16.03 -5.54 6.80
CA PRO A 202 15.64 -6.84 7.35
C PRO A 202 15.91 -8.00 6.37
N GLY A 203 16.43 -7.74 5.17
CA GLY A 203 16.91 -8.84 4.31
C GLY A 203 15.83 -9.62 3.58
N ILE A 204 14.72 -8.94 3.28
CA ILE A 204 13.56 -9.58 2.64
C ILE A 204 14.00 -10.27 1.34
N GLY A 205 13.51 -11.49 1.12
CA GLY A 205 13.78 -12.27 -0.12
C GLY A 205 15.14 -12.98 -0.12
N PHE A 206 15.95 -12.73 0.91
CA PHE A 206 17.26 -13.41 1.04
C PHE A 206 17.22 -14.68 1.85
N GLY A 207 16.79 -15.80 1.26
CA GLY A 207 16.87 -17.08 1.95
C GLY A 207 15.85 -17.20 3.09
N LEU A 208 14.68 -16.64 2.87
CA LEU A 208 13.59 -16.67 3.85
C LEU A 208 12.38 -17.39 3.21
N THR A 209 11.63 -18.10 4.01
CA THR A 209 10.36 -18.72 3.55
C THR A 209 9.31 -17.65 3.24
N LYS A 210 8.23 -18.04 2.58
CA LYS A 210 7.14 -17.10 2.34
C LYS A 210 6.65 -16.48 3.64
N LYS A 211 6.43 -17.33 4.65
CA LYS A 211 5.84 -16.87 5.94
C LYS A 211 6.78 -15.86 6.64
N GLU A 212 8.06 -16.18 6.64
CA GLU A 212 9.08 -15.33 7.23
C GLU A 212 9.14 -13.98 6.55
N ASN A 213 9.16 -13.94 5.19
CA ASN A 213 9.15 -12.71 4.47
C ASN A 213 7.92 -11.87 4.87
N LEU A 214 6.76 -12.53 4.94
CA LEU A 214 5.53 -11.79 5.23
C LEU A 214 5.53 -11.30 6.70
N LEU A 215 6.05 -12.12 7.61
CA LEU A 215 6.15 -11.74 9.02
C LEU A 215 7.04 -10.51 9.17
N LEU A 216 8.20 -10.53 8.51
CA LEU A 216 9.13 -9.40 8.64
C LEU A 216 8.51 -8.13 8.07
N LEU A 217 7.72 -8.25 7.01
CA LEU A 217 7.03 -7.09 6.49
C LEU A 217 5.92 -6.65 7.44
N ARG A 218 5.19 -7.60 7.99
CA ARG A 218 4.15 -7.28 8.96
C ARG A 218 4.73 -6.48 10.13
N ASP A 219 5.93 -6.87 10.59
CA ASP A 219 6.54 -6.36 11.83
C ASP A 219 7.63 -5.32 11.58
N LEU A 220 7.55 -4.57 10.47
CA LEU A 220 8.51 -3.46 10.23
C LEU A 220 8.59 -2.45 11.37
N ASP A 221 7.46 -2.22 12.04
CA ASP A 221 7.44 -1.31 13.15
C ASP A 221 8.34 -1.77 14.32
N LYS A 222 8.39 -3.09 14.58
CA LYS A 222 9.23 -3.70 15.64
C LYS A 222 10.70 -3.46 15.36
N LEU A 223 11.06 -3.62 14.11
CA LEU A 223 12.40 -3.32 13.62
C LEU A 223 12.69 -1.80 13.81
N HIS A 224 11.73 -0.96 13.46
CA HIS A 224 11.90 0.50 13.57
C HIS A 224 12.03 0.92 15.02
N GLN A 225 11.37 0.18 15.89
CA GLN A 225 11.44 0.47 17.34
C GLN A 225 12.87 0.40 17.93
N LYS A 226 13.76 -0.32 17.26
CA LYS A 226 15.20 -0.37 17.65
C LYS A 226 15.90 0.97 17.60
N GLY A 227 15.40 1.88 16.77
CA GLY A 227 15.86 3.28 16.77
C GLY A 227 16.66 3.68 15.56
N TYR A 228 16.78 2.78 14.58
CA TYR A 228 17.47 3.04 13.34
C TYR A 228 16.53 3.19 12.18
N PRO A 229 16.95 3.99 11.19
CA PRO A 229 16.18 4.05 9.96
C PRO A 229 16.20 2.69 9.21
N ILE A 230 15.12 2.40 8.53
CA ILE A 230 14.99 1.16 7.77
C ILE A 230 15.25 1.42 6.28
N PHE A 231 16.09 0.55 5.71
CA PHE A 231 16.33 0.47 4.25
C PHE A 231 15.77 -0.81 3.78
N LEU A 232 14.72 -0.78 2.96
CA LEU A 232 13.89 -1.88 2.64
C LEU A 232 13.91 -2.28 1.17
N GLY A 233 14.17 -3.56 0.93
CA GLY A 233 14.18 -4.18 -0.43
C GLY A 233 12.73 -4.65 -0.65
N VAL A 234 12.03 -4.03 -1.57
CA VAL A 234 10.63 -4.42 -1.86
C VAL A 234 10.42 -4.93 -3.31
N SER A 235 11.49 -4.94 -4.10
CA SER A 235 11.33 -4.99 -5.53
C SER A 235 11.61 -6.37 -6.17
N ARG A 236 10.62 -6.83 -6.94
CA ARG A 236 10.72 -8.04 -7.76
C ARG A 236 11.12 -9.25 -6.86
N LYS A 237 10.45 -9.38 -5.72
CA LYS A 237 10.69 -10.48 -4.80
C LYS A 237 9.82 -11.71 -5.17
N ARG A 238 10.44 -12.86 -5.10
CA ARG A 238 9.80 -14.08 -5.53
C ARG A 238 8.48 -14.40 -4.81
N PHE A 239 8.45 -14.23 -3.48
CA PHE A 239 7.23 -14.50 -2.75
C PHE A 239 6.04 -13.60 -3.19
N VAL A 240 6.35 -12.37 -3.59
CA VAL A 240 5.32 -11.43 -4.05
C VAL A 240 4.81 -11.89 -5.43
N ILE A 241 5.75 -12.23 -6.30
CA ILE A 241 5.42 -12.80 -7.60
C ILE A 241 4.53 -14.08 -7.50
N ASN A 242 4.83 -14.96 -6.51
CA ASN A 242 4.06 -16.14 -6.23
C ASN A 242 2.64 -15.80 -5.78
N ILE A 243 2.48 -14.72 -5.00
CA ILE A 243 1.08 -14.26 -4.60
C ILE A 243 0.29 -13.87 -5.87
N LEU A 244 0.98 -13.19 -6.78
CA LEU A 244 0.31 -12.79 -8.05
C LEU A 244 -0.08 -13.98 -8.89
N GLU A 245 0.87 -14.90 -9.10
CA GLU A 245 0.62 -16.06 -9.96
C GLU A 245 -0.51 -16.94 -9.42
N GLU A 246 -0.50 -17.16 -8.11
CA GLU A 246 -1.53 -18.00 -7.52
C GLU A 246 -2.94 -17.33 -7.51
N ASN A 247 -2.98 -16.05 -7.75
CA ASN A 247 -4.23 -15.25 -7.83
C ASN A 247 -4.56 -14.80 -9.23
N GLY A 248 -3.97 -15.49 -10.20
CA GLY A 248 -4.32 -15.33 -11.60
C GLY A 248 -3.75 -14.22 -12.48
N PHE A 249 -2.73 -13.51 -11.98
CA PHE A 249 -2.09 -12.41 -12.65
C PHE A 249 -0.97 -12.98 -13.51
N GLU A 250 -0.74 -12.36 -14.66
CA GLU A 250 0.36 -12.70 -15.52
C GLU A 250 1.65 -12.24 -14.82
N VAL A 251 2.66 -13.12 -14.74
CA VAL A 251 3.91 -12.76 -14.10
C VAL A 251 5.20 -12.96 -14.98
N ASN A 252 5.05 -13.34 -16.21
CA ASN A 252 6.20 -13.58 -17.10
C ASN A 252 6.85 -12.19 -17.33
N PRO A 253 8.09 -12.00 -16.85
CA PRO A 253 8.78 -10.72 -17.02
C PRO A 253 9.18 -10.43 -18.51
N GLU A 254 9.14 -11.43 -19.39
CA GLU A 254 9.29 -11.24 -20.86
C GLU A 254 8.02 -10.90 -21.62
N THR A 255 7.00 -10.50 -20.85
CA THR A 255 5.80 -9.92 -21.42
C THR A 255 5.66 -8.52 -20.80
N GLU A 256 5.07 -7.62 -21.59
CA GLU A 256 4.74 -6.28 -21.08
C GLU A 256 3.86 -6.30 -19.82
N LEU A 257 2.82 -7.12 -19.88
CA LEU A 257 1.87 -7.21 -18.81
C LEU A 257 2.52 -7.81 -17.56
N GLY A 258 3.22 -8.97 -17.69
CA GLY A 258 3.94 -9.56 -16.52
C GLY A 258 4.97 -8.65 -15.86
N PHE A 259 5.74 -7.97 -16.71
CA PHE A 259 6.78 -7.05 -16.25
C PHE A 259 6.16 -5.96 -15.41
N ARG A 260 5.07 -5.39 -15.98
CA ARG A 260 4.30 -4.37 -15.33
C ARG A 260 3.67 -4.80 -14.04
N ASN A 261 2.98 -5.96 -14.04
CA ASN A 261 2.31 -6.48 -12.83
C ASN A 261 3.35 -6.65 -11.70
N ARG A 262 4.54 -7.15 -12.06
CA ARG A 262 5.58 -7.38 -11.05
C ARG A 262 5.95 -6.08 -10.34
N ASP A 263 6.17 -5.01 -11.11
CA ASP A 263 6.47 -3.71 -10.54
C ASP A 263 5.33 -3.06 -9.80
N THR A 264 4.11 -3.18 -10.32
CA THR A 264 2.97 -2.67 -9.57
C THR A 264 2.87 -3.37 -8.19
N ALA A 265 3.00 -4.71 -8.16
CA ALA A 265 2.93 -5.49 -6.93
C ALA A 265 3.97 -4.97 -5.91
N SER A 266 5.21 -4.76 -6.34
CA SER A 266 6.24 -4.20 -5.46
C SER A 266 5.87 -2.84 -4.94
N ALA A 267 5.25 -2.04 -5.82
CA ALA A 267 4.81 -0.70 -5.45
C ALA A 267 3.64 -0.70 -4.38
N HIS A 268 2.79 -1.75 -4.38
CA HIS A 268 1.85 -2.00 -3.27
C HIS A 268 2.56 -2.24 -1.94
N VAL A 269 3.68 -2.90 -1.96
CA VAL A 269 4.46 -3.13 -0.74
C VAL A 269 5.05 -1.80 -0.27
N THR A 270 5.57 -1.02 -1.22
CA THR A 270 6.02 0.36 -0.92
C THR A 270 4.95 1.28 -0.31
N SER A 271 3.71 1.17 -0.79
CA SER A 271 2.57 1.91 -0.24
C SER A 271 2.45 1.65 1.28
N ILE A 272 2.47 0.40 1.66
CA ILE A 272 2.38 -0.02 3.03
C ILE A 272 3.62 0.52 3.83
N ALA A 273 4.79 0.33 3.27
CA ALA A 273 6.04 0.69 3.91
C ALA A 273 6.17 2.24 4.14
N ALA A 274 5.89 3.00 3.10
CA ALA A 274 5.91 4.45 3.13
C ALA A 274 4.88 4.99 4.12
N ARG A 275 3.68 4.42 4.15
CA ARG A 275 2.65 4.84 5.09
C ARG A 275 3.12 4.71 6.57
N GLN A 276 3.91 3.67 6.84
CA GLN A 276 4.49 3.48 8.19
C GLN A 276 5.90 4.04 8.41
N GLY A 277 6.34 4.92 7.52
CA GLY A 277 7.52 5.71 7.77
C GLY A 277 8.87 5.11 7.45
N VAL A 278 8.86 4.00 6.70
CA VAL A 278 10.12 3.41 6.21
C VAL A 278 10.91 4.49 5.49
N GLU A 279 12.17 4.67 5.88
CA GLU A 279 13.00 5.75 5.39
C GLU A 279 13.45 5.59 3.94
N VAL A 280 13.79 4.38 3.51
CA VAL A 280 14.31 4.17 2.15
C VAL A 280 13.76 2.86 1.64
N VAL A 281 13.34 2.88 0.37
CA VAL A 281 13.02 1.68 -0.37
C VAL A 281 14.00 1.53 -1.57
N ARG A 282 14.55 0.32 -1.70
CA ARG A 282 15.48 -0.01 -2.76
C ARG A 282 14.68 -0.75 -3.85
N VAL A 283 14.65 -0.15 -5.02
CA VAL A 283 13.74 -0.56 -6.08
C VAL A 283 14.33 -0.56 -7.48
N HIS A 284 13.79 -1.39 -8.39
CA HIS A 284 14.22 -1.40 -9.82
C HIS A 284 13.52 -0.29 -10.64
N ASP A 285 12.17 -0.22 -10.52
CA ASP A 285 11.37 0.67 -11.29
C ASP A 285 10.96 1.90 -10.45
N VAL A 286 11.73 2.96 -10.57
CA VAL A 286 11.53 4.13 -9.69
C VAL A 286 10.11 4.75 -9.87
N ALA A 287 9.68 4.86 -11.12
CA ALA A 287 8.38 5.54 -11.43
C ALA A 287 7.22 4.94 -10.65
N SER A 288 7.10 3.61 -10.71
CA SER A 288 5.95 2.94 -10.03
C SER A 288 5.98 3.18 -8.50
N HIS A 289 7.18 3.19 -7.92
CA HIS A 289 7.32 3.43 -6.50
C HIS A 289 7.12 4.90 -6.12
N ARG A 290 7.40 5.80 -7.02
CA ARG A 290 7.11 7.20 -6.80
C ARG A 290 5.62 7.41 -6.63
N MET A 291 4.84 6.79 -7.48
CA MET A 291 3.38 6.83 -7.25
C MET A 291 2.96 6.39 -5.85
N ALA A 292 3.43 5.22 -5.45
CA ALA A 292 3.16 4.66 -4.12
C ALA A 292 3.62 5.58 -2.97
N VAL A 293 4.85 6.09 -3.05
CA VAL A 293 5.42 6.93 -2.03
C VAL A 293 4.58 8.21 -1.92
N GLU A 294 4.19 8.82 -3.05
CA GLU A 294 3.52 10.08 -2.97
C GLU A 294 2.11 9.94 -2.34
N ILE A 295 1.41 8.89 -2.73
CA ILE A 295 0.08 8.58 -2.15
C ILE A 295 0.20 8.31 -0.64
N ALA A 296 1.03 7.33 -0.35
CA ALA A 296 1.20 6.89 1.04
C ALA A 296 1.70 7.97 2.00
N SER A 297 2.65 8.76 1.57
CA SER A 297 3.13 9.89 2.33
C SER A 297 2.12 11.04 2.53
N ALA A 298 1.30 11.32 1.52
CA ALA A 298 0.23 12.30 1.62
C ALA A 298 -0.73 11.93 2.74
N ILE A 299 -1.00 10.62 2.89
CA ILE A 299 -1.83 10.09 3.97
C ILE A 299 -1.11 10.19 5.33
N ARG A 300 0.09 9.60 5.38
CA ARG A 300 0.86 9.58 6.60
C ARG A 300 1.04 10.97 7.21
N LEU A 301 1.33 11.91 6.33
CA LEU A 301 1.66 13.24 6.72
C LEU A 301 0.45 14.21 6.62
N ALA A 302 -0.78 13.68 6.70
CA ALA A 302 -2.02 14.45 6.49
C ALA A 302 -2.11 15.71 7.37
N ASP A 303 -1.68 15.59 8.63
CA ASP A 303 -1.80 16.69 9.59
C ASP A 303 -0.45 17.40 9.89
N ASN B 6 -9.94 -7.70 12.48
CA ASN B 6 -10.28 -8.45 11.24
C ASN B 6 -9.32 -9.63 11.08
N HIS B 7 -9.87 -10.84 10.90
CA HIS B 7 -9.03 -12.02 10.55
C HIS B 7 -9.24 -12.56 9.10
N ALA B 8 -10.18 -11.97 8.35
CA ALA B 8 -10.43 -12.33 6.94
C ALA B 8 -9.87 -11.27 5.99
N LYS B 9 -9.57 -11.69 4.77
CA LYS B 9 -9.11 -10.70 3.80
C LYS B 9 -10.22 -9.68 3.47
N THR B 10 -9.79 -8.47 3.11
CA THR B 10 -10.65 -7.42 2.63
C THR B 10 -11.52 -7.94 1.50
N VAL B 11 -12.81 -7.73 1.61
CA VAL B 11 -13.79 -8.04 0.57
C VAL B 11 -13.81 -6.89 -0.47
N ILE B 12 -13.92 -7.24 -1.77
CA ILE B 12 -13.98 -6.28 -2.83
C ILE B 12 -15.40 -6.16 -3.32
N CYS B 13 -15.92 -4.98 -3.18
CA CYS B 13 -17.28 -4.64 -3.66
C CYS B 13 -17.23 -3.91 -5.04
N GLY B 14 -17.72 -4.56 -6.10
CA GLY B 14 -17.75 -3.96 -7.44
C GLY B 14 -18.96 -3.03 -7.59
N ILE B 15 -18.84 -2.10 -8.48
CA ILE B 15 -19.85 -1.06 -8.69
C ILE B 15 -20.64 -1.36 -9.95
N ILE B 16 -21.96 -1.35 -9.87
CA ILE B 16 -22.82 -1.42 -11.04
C ILE B 16 -23.82 -0.27 -11.01
N ASN B 17 -23.67 0.67 -11.94
CA ASN B 17 -24.64 1.78 -11.99
C ASN B 17 -25.64 1.65 -13.14
N VAL B 18 -26.92 1.67 -12.80
CA VAL B 18 -27.98 1.67 -13.79
C VAL B 18 -28.80 2.99 -13.74
N THR B 19 -28.11 4.12 -13.52
CA THR B 19 -28.75 5.45 -13.57
C THR B 19 -29.11 5.68 -15.02
N LEU B 32 -30.14 -4.11 -19.26
CA LEU B 32 -30.15 -5.19 -18.27
C LEU B 32 -28.95 -6.09 -18.58
N GLU B 33 -28.87 -6.55 -19.84
CA GLU B 33 -27.78 -7.42 -20.24
C GLU B 33 -26.40 -6.78 -20.07
N GLN B 34 -26.36 -5.47 -20.24
CA GLN B 34 -25.15 -4.71 -20.01
C GLN B 34 -24.77 -4.76 -18.50
N ALA B 35 -25.73 -4.55 -17.61
CA ALA B 35 -25.53 -4.70 -16.14
C ALA B 35 -25.10 -6.12 -15.75
N LEU B 36 -25.81 -7.14 -16.27
CA LEU B 36 -25.50 -8.54 -16.01
C LEU B 36 -24.10 -8.94 -16.46
N GLN B 37 -23.70 -8.45 -17.64
CA GLN B 37 -22.35 -8.72 -18.14
C GLN B 37 -21.30 -8.13 -17.23
N GLN B 38 -21.56 -6.92 -16.73
CA GLN B 38 -20.61 -6.28 -15.83
C GLN B 38 -20.50 -7.05 -14.49
N ALA B 39 -21.65 -7.46 -13.98
CA ALA B 39 -21.71 -8.34 -12.77
C ALA B 39 -20.80 -9.58 -12.92
N ARG B 40 -20.96 -10.29 -14.03
CA ARG B 40 -20.16 -11.47 -14.36
C ARG B 40 -18.68 -11.17 -14.38
N LYS B 41 -18.27 -10.07 -15.05
CA LYS B 41 -16.89 -9.65 -15.09
C LYS B 41 -16.29 -9.39 -13.72
N LEU B 42 -16.97 -8.53 -12.95
CA LEU B 42 -16.52 -8.17 -11.63
C LEU B 42 -16.33 -9.38 -10.70
N ILE B 43 -17.33 -10.26 -10.71
CA ILE B 43 -17.31 -11.49 -9.93
C ILE B 43 -16.12 -12.37 -10.37
N ALA B 44 -15.94 -12.52 -11.69
CA ALA B 44 -14.81 -13.23 -12.29
C ALA B 44 -13.47 -12.70 -11.85
N GLU B 45 -13.36 -11.39 -11.61
CA GLU B 45 -12.12 -10.78 -11.24
C GLU B 45 -11.88 -10.81 -9.72
N GLY B 46 -12.90 -11.21 -8.98
CA GLY B 46 -12.77 -11.49 -7.55
C GLY B 46 -13.67 -10.71 -6.65
N ALA B 47 -14.69 -10.04 -7.19
CA ALA B 47 -15.63 -9.29 -6.34
C ALA B 47 -16.46 -10.31 -5.60
N SER B 48 -16.55 -10.08 -4.29
CA SER B 48 -17.41 -10.85 -3.37
C SER B 48 -18.72 -10.14 -3.05
N MET B 49 -18.89 -8.92 -3.58
CA MET B 49 -20.06 -8.09 -3.36
C MET B 49 -20.25 -7.15 -4.59
N LEU B 50 -21.48 -6.82 -4.90
CA LEU B 50 -21.84 -5.89 -5.99
C LEU B 50 -22.76 -4.81 -5.42
N ASP B 51 -22.44 -3.56 -5.71
CA ASP B 51 -23.25 -2.42 -5.24
C ASP B 51 -23.99 -1.80 -6.43
N ILE B 52 -25.30 -1.98 -6.42
CA ILE B 52 -26.18 -1.62 -7.54
C ILE B 52 -26.86 -0.31 -7.20
N GLY B 53 -26.67 0.69 -8.05
CA GLY B 53 -27.36 1.99 -7.87
C GLY B 53 -28.08 2.44 -9.12
N GLY B 54 -29.29 2.91 -8.90
CA GLY B 54 -30.16 3.35 -9.97
C GLY B 54 -30.74 4.76 -9.77
N GLU B 55 -30.13 5.58 -8.89
CA GLU B 55 -30.66 6.91 -8.61
C GLU B 55 -30.39 7.86 -9.80
N SER B 56 -31.36 8.68 -10.12
CA SER B 56 -31.24 9.66 -11.19
C SER B 56 -30.76 11.00 -10.63
N TYR B 63 -43.01 13.19 -10.52
CA TYR B 63 -44.08 12.17 -10.63
C TYR B 63 -43.53 10.76 -10.65
N VAL B 64 -44.04 9.93 -9.75
CA VAL B 64 -43.62 8.51 -9.60
C VAL B 64 -42.11 8.24 -9.73
N GLU B 65 -41.26 9.21 -9.36
CA GLU B 65 -39.79 9.10 -9.42
C GLU B 65 -39.19 7.86 -8.69
N ILE B 66 -39.69 7.61 -7.48
CA ILE B 66 -39.19 6.51 -6.66
C ILE B 66 -39.59 5.14 -7.26
N GLU B 67 -40.83 5.04 -7.78
CA GLU B 67 -41.29 3.81 -8.47
C GLU B 67 -40.41 3.50 -9.70
N GLU B 68 -40.01 4.50 -10.45
CA GLU B 68 -39.08 4.26 -11.56
C GLU B 68 -37.65 3.89 -11.16
N GLU B 69 -37.25 4.33 -9.97
CA GLU B 69 -35.93 3.98 -9.48
C GLU B 69 -35.96 2.50 -9.13
N ILE B 70 -37.01 2.08 -8.42
CA ILE B 70 -37.32 0.68 -8.05
C ILE B 70 -37.35 -0.22 -9.29
N GLN B 71 -38.09 0.22 -10.28
CA GLN B 71 -38.20 -0.52 -11.56
C GLN B 71 -36.86 -0.57 -12.32
N ARG B 72 -35.87 0.22 -11.95
CA ARG B 72 -34.56 0.12 -12.59
C ARG B 72 -33.66 -0.88 -11.82
N VAL B 73 -33.72 -0.86 -10.49
CA VAL B 73 -32.79 -1.68 -9.72
C VAL B 73 -33.28 -3.11 -9.52
N VAL B 74 -34.59 -3.29 -9.40
CA VAL B 74 -35.13 -4.60 -8.98
C VAL B 74 -34.86 -5.71 -10.04
N PRO B 75 -35.11 -5.42 -11.33
CA PRO B 75 -34.79 -6.42 -12.38
C PRO B 75 -33.32 -6.82 -12.46
N VAL B 76 -32.43 -5.86 -12.21
CA VAL B 76 -31.02 -6.15 -12.17
C VAL B 76 -30.67 -7.05 -10.97
N ILE B 77 -31.18 -6.70 -9.79
CA ILE B 77 -30.95 -7.51 -8.56
C ILE B 77 -31.50 -8.93 -8.83
N LYS B 78 -32.74 -9.02 -9.28
CA LYS B 78 -33.34 -10.34 -9.51
C LYS B 78 -32.52 -11.17 -10.52
N ALA B 79 -32.04 -10.55 -11.60
CA ALA B 79 -31.29 -11.29 -12.62
C ALA B 79 -29.92 -11.76 -12.12
N ILE B 80 -29.27 -10.95 -11.29
CA ILE B 80 -27.98 -11.35 -10.69
C ILE B 80 -28.19 -12.52 -9.69
N ARG B 81 -29.31 -12.46 -8.98
CA ARG B 81 -29.60 -13.46 -7.96
C ARG B 81 -29.96 -14.80 -8.59
N LYS B 82 -30.48 -14.80 -9.81
CA LYS B 82 -30.71 -16.05 -10.57
C LYS B 82 -29.43 -16.82 -10.90
N GLU B 83 -28.33 -16.10 -11.07
CA GLU B 83 -27.06 -16.65 -11.53
C GLU B 83 -26.08 -16.91 -10.42
N SER B 84 -26.29 -16.29 -9.27
CA SER B 84 -25.18 -16.14 -8.30
C SER B 84 -25.69 -15.83 -6.89
N ASP B 85 -24.98 -16.32 -5.89
CA ASP B 85 -25.25 -15.96 -4.50
C ASP B 85 -24.40 -14.82 -3.99
N VAL B 86 -23.68 -14.11 -4.88
CA VAL B 86 -22.87 -12.95 -4.49
C VAL B 86 -23.65 -12.00 -3.58
N LEU B 87 -22.98 -11.42 -2.59
CA LEU B 87 -23.63 -10.44 -1.75
C LEU B 87 -24.01 -9.25 -2.65
N ILE B 88 -25.24 -8.76 -2.50
CA ILE B 88 -25.72 -7.62 -3.29
C ILE B 88 -26.12 -6.49 -2.35
N SER B 89 -25.53 -5.36 -2.63
CA SER B 89 -25.81 -4.10 -1.95
C SER B 89 -26.69 -3.21 -2.83
N ILE B 90 -27.70 -2.62 -2.21
CA ILE B 90 -28.47 -1.58 -2.85
C ILE B 90 -27.98 -0.21 -2.41
N ASP B 91 -27.50 0.57 -3.39
CA ASP B 91 -27.00 1.91 -3.17
C ASP B 91 -28.14 2.91 -3.24
N THR B 92 -28.78 3.18 -2.09
CA THR B 92 -29.85 4.15 -1.96
C THR B 92 -29.94 4.70 -0.54
N TRP B 93 -30.50 5.91 -0.44
CA TRP B 93 -30.84 6.54 0.83
C TRP B 93 -32.38 6.58 1.12
N LYS B 94 -33.14 6.07 0.16
CA LYS B 94 -34.61 6.06 0.15
C LYS B 94 -35.12 4.74 0.68
N SER B 95 -35.78 4.79 1.83
CA SER B 95 -36.35 3.59 2.47
C SER B 95 -37.16 2.73 1.51
N GLN B 96 -37.91 3.38 0.62
CA GLN B 96 -38.87 2.70 -0.26
C GLN B 96 -38.14 1.86 -1.32
N VAL B 97 -37.00 2.37 -1.80
CA VAL B 97 -36.15 1.66 -2.77
C VAL B 97 -35.41 0.50 -2.11
N ALA B 98 -34.84 0.77 -0.92
CA ALA B 98 -34.20 -0.23 -0.11
C ALA B 98 -35.18 -1.35 0.15
N GLU B 99 -36.40 -0.98 0.54
CA GLU B 99 -37.40 -2.00 0.82
C GLU B 99 -37.59 -2.95 -0.37
N ALA B 100 -37.75 -2.41 -1.55
CA ALA B 100 -38.02 -3.24 -2.75
C ALA B 100 -36.79 -4.07 -3.11
N ALA B 101 -35.61 -3.43 -3.04
CA ALA B 101 -34.36 -4.07 -3.48
C ALA B 101 -34.02 -5.24 -2.57
N LEU B 102 -34.17 -5.05 -1.26
CA LEU B 102 -33.99 -6.14 -0.29
C LEU B 102 -34.98 -7.30 -0.52
N ALA B 103 -36.25 -6.96 -0.70
CA ALA B 103 -37.28 -7.95 -1.05
C ALA B 103 -36.90 -8.74 -2.32
N ALA B 104 -36.28 -8.07 -3.28
CA ALA B 104 -35.84 -8.67 -4.55
C ALA B 104 -34.54 -9.49 -4.47
N GLY B 105 -33.87 -9.50 -3.32
CA GLY B 105 -32.65 -10.30 -3.13
C GLY B 105 -31.40 -9.60 -2.64
N ALA B 106 -31.44 -8.29 -2.48
CA ALA B 106 -30.32 -7.56 -1.87
C ALA B 106 -30.14 -7.95 -0.42
N ASP B 107 -28.87 -7.89 0.01
CA ASP B 107 -28.38 -8.35 1.29
C ASP B 107 -28.06 -7.18 2.20
N LEU B 108 -27.72 -6.05 1.60
CA LEU B 108 -27.44 -4.87 2.37
C LEU B 108 -27.79 -3.58 1.66
N VAL B 109 -27.94 -2.55 2.47
CA VAL B 109 -28.14 -1.19 1.98
C VAL B 109 -26.88 -0.33 2.14
N ASN B 110 -26.46 0.28 1.05
CA ASN B 110 -25.43 1.28 1.10
C ASN B 110 -26.03 2.69 1.04
N ASP B 111 -26.10 3.28 2.24
CA ASP B 111 -26.82 4.53 2.45
C ASP B 111 -25.86 5.75 2.56
N ILE B 112 -25.80 6.49 1.45
CA ILE B 112 -24.90 7.64 1.33
C ILE B 112 -25.23 8.76 2.33
N THR B 113 -26.43 8.72 2.92
CA THR B 113 -26.86 9.68 3.97
C THR B 113 -26.76 9.11 5.37
N GLY B 114 -26.34 7.86 5.47
CA GLY B 114 -26.03 7.25 6.78
C GLY B 114 -27.21 7.28 7.74
N LEU B 115 -28.39 6.90 7.23
CA LEU B 115 -29.68 6.77 7.96
C LEU B 115 -30.31 8.13 8.31
N MET B 116 -29.68 9.22 7.86
CA MET B 116 -30.13 10.59 8.08
C MET B 116 -30.96 11.16 6.92
N GLY B 117 -30.94 10.51 5.76
CA GLY B 117 -31.69 10.93 4.60
C GLY B 117 -33.16 10.61 4.77
N ASP B 118 -33.47 9.46 5.37
CA ASP B 118 -34.85 8.99 5.56
C ASP B 118 -35.08 8.35 6.94
N GLU B 119 -35.99 8.96 7.71
CA GLU B 119 -36.28 8.52 9.10
C GLU B 119 -36.78 7.11 9.14
N LYS B 120 -37.33 6.67 8.00
CA LYS B 120 -37.84 5.30 7.85
C LYS B 120 -36.81 4.22 7.45
N MET B 121 -35.61 4.62 7.08
CA MET B 121 -34.62 3.66 6.60
C MET B 121 -34.23 2.69 7.72
N PRO B 122 -34.01 3.21 8.94
CA PRO B 122 -33.57 2.26 9.98
C PRO B 122 -34.53 1.09 10.17
N HIS B 123 -35.82 1.36 10.06
CA HIS B 123 -36.87 0.33 10.27
C HIS B 123 -36.90 -0.68 9.11
N VAL B 124 -36.80 -0.17 7.88
CA VAL B 124 -36.68 -1.04 6.69
C VAL B 124 -35.49 -1.99 6.82
N VAL B 125 -34.30 -1.47 7.15
CA VAL B 125 -33.13 -2.33 7.34
C VAL B 125 -33.35 -3.34 8.50
N ALA B 126 -33.91 -2.88 9.61
CA ALA B 126 -34.17 -3.75 10.81
C ALA B 126 -35.13 -4.91 10.44
N GLU B 127 -36.16 -4.56 9.69
CA GLU B 127 -37.24 -5.50 9.34
C GLU B 127 -36.76 -6.63 8.42
N ALA B 128 -35.88 -6.29 7.49
CA ALA B 128 -35.27 -7.25 6.57
C ALA B 128 -34.16 -8.08 7.18
N ARG B 129 -33.69 -7.71 8.38
CA ARG B 129 -32.52 -8.35 8.98
C ARG B 129 -31.29 -8.25 8.05
N ALA B 130 -31.23 -7.10 7.37
CA ALA B 130 -30.20 -6.80 6.40
C ALA B 130 -29.05 -6.05 7.09
N GLN B 131 -27.92 -5.98 6.36
CA GLN B 131 -26.79 -5.11 6.75
C GLN B 131 -27.00 -3.70 6.18
N VAL B 132 -26.28 -2.72 6.75
CA VAL B 132 -26.37 -1.35 6.26
C VAL B 132 -24.99 -0.70 6.40
N VAL B 133 -24.58 -0.07 5.30
CA VAL B 133 -23.45 0.83 5.32
C VAL B 133 -23.98 2.20 5.71
N ILE B 134 -23.51 2.67 6.86
CA ILE B 134 -23.76 4.05 7.32
C ILE B 134 -22.64 4.95 6.87
N MET B 135 -22.88 5.74 5.79
CA MET B 135 -21.87 6.67 5.32
C MET B 135 -21.99 8.03 6.02
N PHE B 136 -20.86 8.57 6.43
CA PHE B 136 -20.78 9.94 6.90
C PHE B 136 -20.96 10.84 5.70
N ASN B 137 -21.90 11.79 5.79
CA ASN B 137 -22.19 12.66 4.65
C ASN B 137 -21.89 14.11 5.04
N PRO B 138 -20.69 14.62 4.66
CA PRO B 138 -20.26 15.99 4.97
C PRO B 138 -21.08 17.08 4.26
N VAL B 139 -21.58 16.77 3.08
CA VAL B 139 -22.45 17.69 2.35
C VAL B 139 -23.73 17.99 3.14
N MET B 140 -24.28 16.99 3.81
CA MET B 140 -25.49 17.12 4.59
C MET B 140 -25.22 17.85 5.89
N ALA B 141 -24.06 17.59 6.46
CA ALA B 141 -23.68 18.15 7.75
C ALA B 141 -23.17 19.59 7.59
N ARG B 142 -22.65 19.91 6.40
CA ARG B 142 -22.05 21.23 6.09
C ARG B 142 -22.59 21.75 4.76
N PRO B 143 -23.83 22.23 4.76
CA PRO B 143 -24.52 22.67 3.52
C PRO B 143 -23.76 23.75 2.72
N GLN B 144 -23.28 24.79 3.41
CA GLN B 144 -22.60 25.91 2.75
C GLN B 144 -21.07 25.84 2.71
N HIS B 145 -20.48 24.68 3.01
CA HIS B 145 -19.02 24.55 2.96
C HIS B 145 -18.58 24.68 1.49
N PRO B 146 -17.49 25.45 1.22
CA PRO B 146 -17.00 25.53 -0.16
C PRO B 146 -17.01 24.18 -0.91
N SER B 147 -16.47 23.14 -0.28
CA SER B 147 -16.45 21.81 -0.89
C SER B 147 -17.82 21.15 -1.11
N SER B 148 -18.87 21.62 -0.44
CA SER B 148 -20.24 21.14 -0.68
C SER B 148 -20.92 21.80 -1.88
N LEU B 149 -20.36 22.92 -2.35
CA LEU B 149 -21.05 23.75 -3.35
C LEU B 149 -21.43 22.97 -4.62
N ILE B 150 -20.50 22.12 -5.10
CA ILE B 150 -20.71 21.29 -6.31
C ILE B 150 -21.56 20.00 -6.13
N PHE B 151 -21.86 19.64 -4.87
CA PHE B 151 -22.74 18.53 -4.53
C PHE B 151 -24.20 19.01 -4.44
N PRO B 152 -25.16 18.12 -4.79
CA PRO B 152 -26.58 18.55 -4.69
C PRO B 152 -27.15 18.36 -3.26
N HIS B 153 -28.41 18.70 -3.06
CA HIS B 153 -29.09 18.45 -1.77
C HIS B 153 -29.36 16.96 -1.64
N PHE B 154 -29.02 16.36 -0.49
CA PHE B 154 -29.34 14.93 -0.22
C PHE B 154 -30.47 14.80 0.81
N GLY B 155 -31.18 13.67 0.78
CA GLY B 155 -32.20 13.36 1.81
C GLY B 155 -33.67 13.78 1.59
N PHE B 160 -31.20 17.56 10.07
CA PHE B 160 -30.54 18.42 11.06
C PHE B 160 -31.12 19.85 11.25
N THR B 161 -31.18 20.26 12.50
CA THR B 161 -31.72 21.59 12.86
C THR B 161 -30.74 22.72 12.51
N GLU B 162 -31.20 23.96 12.64
CA GLU B 162 -30.38 25.14 12.36
C GLU B 162 -29.27 25.26 13.41
N GLU B 163 -29.62 24.93 14.66
CA GLU B 163 -28.67 24.91 15.76
C GLU B 163 -27.57 23.89 15.50
N GLU B 164 -28.00 22.67 15.17
CA GLU B 164 -27.07 21.57 14.87
C GLU B 164 -26.10 21.95 13.75
N LEU B 165 -26.63 22.51 12.66
CA LEU B 165 -25.83 22.87 11.50
C LEU B 165 -24.83 23.99 11.79
N ALA B 166 -25.25 25.00 12.56
CA ALA B 166 -24.37 26.09 12.96
C ALA B 166 -23.18 25.58 13.75
N ASP B 167 -23.46 24.71 14.72
CA ASP B 167 -22.42 24.10 15.57
C ASP B 167 -21.52 23.06 14.83
N PHE B 168 -22.06 22.35 13.82
CA PHE B 168 -21.28 21.45 12.95
C PHE B 168 -20.29 22.21 12.07
N GLU B 169 -20.66 23.43 11.69
CA GLU B 169 -19.77 24.30 10.94
C GLU B 169 -18.63 24.67 11.91
N THR B 170 -17.43 24.83 11.34
CA THR B 170 -16.20 25.05 12.14
C THR B 170 -16.14 24.05 13.31
N LEU B 171 -16.12 22.79 12.93
CA LEU B 171 -15.94 21.70 13.86
C LEU B 171 -14.91 20.83 13.15
N PRO B 172 -13.86 20.39 13.88
CA PRO B 172 -12.85 19.56 13.19
C PRO B 172 -13.49 18.28 12.63
N ILE B 173 -12.99 17.84 11.47
CA ILE B 173 -13.76 16.88 10.65
C ILE B 173 -14.02 15.55 11.35
N GLU B 174 -13.08 15.13 12.21
CA GLU B 174 -13.23 13.88 12.97
C GLU B 174 -14.31 13.93 14.05
N GLU B 175 -14.38 15.04 14.77
CA GLU B 175 -15.44 15.30 15.72
C GLU B 175 -16.79 15.43 15.00
N LEU B 176 -16.80 16.09 13.84
CA LEU B 176 -18.03 16.09 13.01
C LEU B 176 -18.48 14.67 12.62
N MET B 177 -17.54 13.86 12.20
CA MET B 177 -17.82 12.48 11.85
C MET B 177 -18.39 11.73 13.05
N GLU B 178 -17.76 11.89 14.22
CA GLU B 178 -18.28 11.26 15.43
C GLU B 178 -19.71 11.72 15.75
N ALA B 179 -19.96 13.02 15.66
CA ALA B 179 -21.27 13.56 15.98
C ALA B 179 -22.33 12.99 15.04
N PHE B 180 -22.00 13.00 13.75
CA PHE B 180 -22.83 12.37 12.71
C PHE B 180 -23.13 10.90 13.00
N PHE B 181 -22.09 10.11 13.27
CA PHE B 181 -22.28 8.69 13.50
C PHE B 181 -23.04 8.42 14.80
N GLU B 182 -22.80 9.21 15.84
CA GLU B 182 -23.51 9.07 17.09
C GLU B 182 -25.03 9.18 16.80
N ARG B 183 -25.43 10.17 16.01
CA ARG B 183 -26.84 10.29 15.61
C ARG B 183 -27.37 9.11 14.80
N ALA B 184 -26.61 8.73 13.76
CA ALA B 184 -26.94 7.57 12.93
C ALA B 184 -27.08 6.30 13.78
N LEU B 185 -26.14 6.09 14.70
CA LEU B 185 -26.11 4.84 15.48
C LEU B 185 -27.29 4.82 16.45
N ALA B 186 -27.69 6.01 16.93
CA ALA B 186 -28.85 6.13 17.79
C ALA B 186 -30.14 5.78 17.05
N ARG B 187 -30.28 6.23 15.78
CA ARG B 187 -31.40 5.82 14.89
C ARG B 187 -31.45 4.32 14.63
N ALA B 188 -30.28 3.75 14.33
CA ALA B 188 -30.12 2.31 14.17
C ALA B 188 -30.57 1.54 15.43
N ALA B 189 -30.05 1.94 16.59
CA ALA B 189 -30.41 1.28 17.85
C ALA B 189 -31.89 1.41 18.15
N GLU B 190 -32.47 2.62 17.99
CA GLU B 190 -33.89 2.81 18.20
C GLU B 190 -34.75 1.83 17.37
N ALA B 191 -34.37 1.65 16.10
CA ALA B 191 -35.15 0.87 15.13
C ALA B 191 -34.95 -0.63 15.32
N GLY B 192 -33.96 -1.00 16.12
CA GLY B 192 -33.70 -2.40 16.40
C GLY B 192 -32.75 -3.12 15.46
N ILE B 193 -31.97 -2.38 14.68
CA ILE B 193 -30.90 -2.96 13.88
C ILE B 193 -29.84 -3.61 14.78
N ALA B 194 -29.54 -4.90 14.52
CA ALA B 194 -28.48 -5.57 15.26
C ALA B 194 -27.14 -4.91 14.97
N PRO B 195 -26.35 -4.63 16.01
CA PRO B 195 -25.10 -3.92 15.81
C PRO B 195 -24.08 -4.66 14.92
N GLU B 196 -24.20 -5.98 14.87
CA GLU B 196 -23.35 -6.83 14.04
C GLU B 196 -23.67 -6.62 12.55
N ASN B 197 -24.82 -6.01 12.24
CA ASN B 197 -25.27 -5.76 10.86
C ASN B 197 -24.91 -4.37 10.30
N ILE B 198 -24.05 -3.66 11.04
CA ILE B 198 -23.68 -2.31 10.70
C ILE B 198 -22.25 -2.24 10.23
N LEU B 199 -22.06 -1.54 9.10
CA LEU B 199 -20.76 -1.07 8.65
C LEU B 199 -20.72 0.46 8.63
N LEU B 200 -19.51 1.00 8.86
CA LEU B 200 -19.31 2.45 8.80
C LEU B 200 -18.42 2.85 7.61
N ASP B 201 -18.78 3.95 6.97
CA ASP B 201 -18.05 4.48 5.79
C ASP B 201 -17.73 5.96 6.03
N PRO B 202 -16.44 6.33 6.05
CA PRO B 202 -16.05 7.71 6.37
C PRO B 202 -16.35 8.77 5.28
N GLY B 203 -16.85 8.36 4.12
CA GLY B 203 -17.42 9.26 3.08
C GLY B 203 -16.36 10.02 2.29
N ILE B 204 -15.22 9.40 2.13
CA ILE B 204 -14.08 9.95 1.38
C ILE B 204 -14.54 10.47 0.01
N GLY B 205 -14.12 11.69 -0.32
CA GLY B 205 -14.44 12.31 -1.59
C GLY B 205 -15.74 13.07 -1.58
N PHE B 206 -16.52 12.99 -0.49
CA PHE B 206 -17.86 13.57 -0.51
C PHE B 206 -17.86 14.86 0.20
N GLY B 207 -17.53 15.95 -0.48
CA GLY B 207 -17.64 17.27 0.18
C GLY B 207 -16.56 17.55 1.22
N LEU B 208 -15.37 17.01 0.95
CA LEU B 208 -14.25 17.08 1.85
C LEU B 208 -13.10 17.71 1.08
N THR B 209 -12.30 18.52 1.78
CA THR B 209 -11.08 19.06 1.25
C THR B 209 -10.00 17.98 1.09
N LYS B 210 -8.95 18.32 0.35
CA LYS B 210 -7.83 17.42 0.21
C LYS B 210 -7.34 17.00 1.58
N LYS B 211 -7.11 17.94 2.49
CA LYS B 211 -6.53 17.60 3.81
C LYS B 211 -7.47 16.72 4.62
N GLU B 212 -8.78 17.04 4.60
CA GLU B 212 -9.76 16.24 5.31
C GLU B 212 -9.79 14.79 4.79
N ASN B 213 -9.81 14.59 3.47
CA ASN B 213 -9.76 13.27 2.90
C ASN B 213 -8.54 12.48 3.38
N LEU B 214 -7.37 13.12 3.30
CA LEU B 214 -6.12 12.52 3.73
C LEU B 214 -6.12 12.19 5.22
N LEU B 215 -6.68 13.07 6.03
CA LEU B 215 -6.78 12.86 7.47
C LEU B 215 -7.62 11.65 7.81
N LEU B 216 -8.81 11.55 7.17
CA LEU B 216 -9.67 10.39 7.39
C LEU B 216 -9.06 9.04 6.98
N LEU B 217 -8.30 9.03 5.89
CA LEU B 217 -7.52 7.85 5.52
C LEU B 217 -6.44 7.52 6.53
N ARG B 218 -5.72 8.54 6.93
CA ARG B 218 -4.69 8.35 7.94
C ARG B 218 -5.28 7.69 9.15
N ASP B 219 -6.52 8.07 9.52
CA ASP B 219 -7.08 7.70 10.83
C ASP B 219 -8.15 6.60 10.74
N LEU B 220 -7.96 5.69 9.78
CA LEU B 220 -8.83 4.54 9.62
C LEU B 220 -8.89 3.66 10.87
N ASP B 221 -7.75 3.50 11.54
CA ASP B 221 -7.70 2.78 12.80
C ASP B 221 -8.59 3.39 13.85
N LYS B 222 -8.51 4.70 14.04
CA LYS B 222 -9.40 5.42 14.96
C LYS B 222 -10.89 5.08 14.70
N LEU B 223 -11.27 5.04 13.44
CA LEU B 223 -12.62 4.71 13.10
C LEU B 223 -12.89 3.25 13.42
N HIS B 224 -11.93 2.40 13.13
CA HIS B 224 -12.06 0.99 13.38
C HIS B 224 -12.27 0.67 14.85
N GLN B 225 -11.65 1.45 15.74
CA GLN B 225 -11.75 1.29 17.18
C GLN B 225 -13.15 1.49 17.74
N LYS B 226 -14.02 2.17 16.99
CA LYS B 226 -15.42 2.27 17.36
C LYS B 226 -16.13 0.91 17.46
N GLY B 227 -15.58 -0.13 16.82
CA GLY B 227 -16.11 -1.47 16.94
C GLY B 227 -16.84 -2.04 15.74
N TYR B 228 -16.99 -1.26 14.67
CA TYR B 228 -17.73 -1.68 13.49
C TYR B 228 -16.82 -1.93 12.31
N PRO B 229 -17.22 -2.83 11.41
CA PRO B 229 -16.44 -3.01 10.19
C PRO B 229 -16.50 -1.76 9.32
N ILE B 230 -15.45 -1.58 8.53
CA ILE B 230 -15.36 -0.40 7.65
C ILE B 230 -15.63 -0.76 6.17
N PHE B 231 -16.45 0.07 5.52
CA PHE B 231 -16.73 -0.03 4.11
C PHE B 231 -16.12 1.26 3.52
N LEU B 232 -15.10 1.13 2.68
CA LEU B 232 -14.33 2.28 2.24
C LEU B 232 -14.39 2.48 0.71
N GLY B 233 -14.66 3.72 0.30
CA GLY B 233 -14.66 4.16 -1.10
C GLY B 233 -13.27 4.70 -1.42
N VAL B 234 -12.52 3.92 -2.16
CA VAL B 234 -11.13 4.19 -2.50
C VAL B 234 -10.90 4.48 -4.00
N SER B 235 -11.96 4.46 -4.82
CA SER B 235 -11.80 4.38 -6.23
C SER B 235 -12.06 5.67 -7.04
N ARG B 236 -11.04 6.04 -7.84
CA ARG B 236 -11.14 7.10 -8.82
C ARG B 236 -11.59 8.46 -8.15
N LYS B 237 -11.02 8.75 -6.98
CA LYS B 237 -11.31 9.95 -6.20
C LYS B 237 -10.43 11.10 -6.69
N ARG B 238 -11.05 12.28 -6.78
CA ARG B 238 -10.37 13.47 -7.24
C ARG B 238 -9.05 13.75 -6.53
N PHE B 239 -9.03 13.71 -5.20
CA PHE B 239 -7.80 14.11 -4.48
C PHE B 239 -6.63 13.17 -4.79
N VAL B 240 -6.94 11.92 -5.06
CA VAL B 240 -5.93 10.96 -5.51
C VAL B 240 -5.40 11.30 -6.93
N ILE B 241 -6.28 11.51 -7.88
CA ILE B 241 -5.93 11.97 -9.21
C ILE B 241 -5.03 13.21 -9.14
N ASN B 242 -5.35 14.12 -8.24
CA ASN B 242 -4.61 15.34 -8.07
C ASN B 242 -3.18 15.02 -7.56
N ILE B 243 -3.02 14.11 -6.62
CA ILE B 243 -1.65 13.72 -6.16
C ILE B 243 -0.80 13.18 -7.34
N LEU B 244 -1.42 12.34 -8.16
CA LEU B 244 -0.79 11.88 -9.43
C LEU B 244 -0.39 13.00 -10.31
N GLU B 245 -1.31 13.93 -10.63
CA GLU B 245 -0.97 15.01 -11.57
C GLU B 245 0.13 15.94 -11.02
N GLU B 246 0.09 16.26 -9.72
CA GLU B 246 1.14 17.07 -9.06
C GLU B 246 2.51 16.38 -9.06
N ASN B 247 2.53 15.07 -9.22
CA ASN B 247 3.79 14.34 -9.23
C ASN B 247 4.16 13.74 -10.58
N GLY B 248 3.62 14.33 -11.61
CA GLY B 248 4.10 14.14 -12.97
C GLY B 248 3.49 12.97 -13.75
N PHE B 249 2.48 12.33 -13.17
CA PHE B 249 1.81 11.20 -13.78
C PHE B 249 0.75 11.64 -14.76
N GLU B 250 0.57 10.85 -15.82
CA GLU B 250 -0.54 11.03 -16.74
C GLU B 250 -1.85 10.61 -16.08
N VAL B 251 -2.88 11.48 -16.18
CA VAL B 251 -4.16 11.20 -15.58
C VAL B 251 -5.34 11.33 -16.53
N ASN B 252 -5.09 11.54 -17.82
CA ASN B 252 -6.17 11.68 -18.81
C ASN B 252 -6.89 10.35 -18.94
N PRO B 253 -8.18 10.33 -18.53
CA PRO B 253 -8.91 9.06 -18.55
C PRO B 253 -9.25 8.54 -19.94
N GLU B 254 -9.09 9.33 -20.98
CA GLU B 254 -9.22 8.78 -22.33
C GLU B 254 -7.91 8.30 -22.97
N THR B 255 -6.87 8.21 -22.17
CA THR B 255 -5.62 7.54 -22.59
C THR B 255 -5.47 6.25 -21.85
N GLU B 256 -4.85 5.25 -22.49
CA GLU B 256 -4.63 3.99 -21.80
C GLU B 256 -3.80 4.18 -20.53
N LEU B 257 -2.73 4.96 -20.65
CA LEU B 257 -1.86 5.20 -19.48
C LEU B 257 -2.55 5.93 -18.31
N GLY B 258 -3.32 7.01 -18.62
CA GLY B 258 -4.01 7.79 -17.57
C GLY B 258 -5.12 7.00 -16.90
N PHE B 259 -5.89 6.28 -17.70
CA PHE B 259 -6.92 5.39 -17.16
C PHE B 259 -6.34 4.36 -16.22
N ARG B 260 -5.25 3.72 -16.66
CA ARG B 260 -4.54 2.72 -15.86
C ARG B 260 -3.98 3.31 -14.57
N ASN B 261 -3.27 4.42 -14.70
CA ASN B 261 -2.63 5.12 -13.53
C ASN B 261 -3.68 5.42 -12.42
N ARG B 262 -4.86 5.83 -12.82
CA ARG B 262 -5.93 6.16 -11.90
C ARG B 262 -6.31 4.96 -11.02
N ASP B 263 -6.38 3.80 -11.62
CA ASP B 263 -6.74 2.62 -10.91
C ASP B 263 -5.57 2.05 -10.09
N THR B 264 -4.38 2.07 -10.66
CA THR B 264 -3.19 1.74 -9.84
C THR B 264 -3.14 2.58 -8.54
N ALA B 265 -3.31 3.88 -8.69
CA ALA B 265 -3.22 4.80 -7.59
C ALA B 265 -4.24 4.46 -6.49
N SER B 266 -5.48 4.18 -6.91
CA SER B 266 -6.58 3.75 -6.05
C SER B 266 -6.19 2.48 -5.33
N ALA B 267 -5.55 1.58 -6.06
CA ALA B 267 -5.07 0.32 -5.52
C ALA B 267 -3.98 0.51 -4.41
N HIS B 268 -3.14 1.54 -4.54
CA HIS B 268 -2.18 1.85 -3.50
C HIS B 268 -2.91 2.22 -2.19
N VAL B 269 -4.04 2.94 -2.28
CA VAL B 269 -4.85 3.20 -1.11
C VAL B 269 -5.45 1.91 -0.50
N THR B 270 -5.99 1.06 -1.37
CA THR B 270 -6.46 -0.24 -0.95
C THR B 270 -5.35 -1.02 -0.25
N SER B 271 -4.12 -0.89 -0.72
CA SER B 271 -3.02 -1.61 -0.08
C SER B 271 -2.91 -1.25 1.42
N ILE B 272 -2.94 0.05 1.73
CA ILE B 272 -2.88 0.57 3.09
C ILE B 272 -4.14 0.08 3.83
N ALA B 273 -5.28 0.17 3.19
CA ALA B 273 -6.57 -0.14 3.89
C ALA B 273 -6.67 -1.60 4.29
N ALA B 274 -6.32 -2.45 3.31
CA ALA B 274 -6.24 -3.90 3.50
C ALA B 274 -5.22 -4.24 4.59
N ARG B 275 -4.07 -3.57 4.58
CA ARG B 275 -3.08 -3.80 5.61
C ARG B 275 -3.64 -3.52 7.03
N GLN B 276 -4.50 -2.52 7.14
CA GLN B 276 -5.14 -2.09 8.38
C GLN B 276 -6.43 -2.86 8.66
N GLY B 277 -6.75 -3.84 7.81
CA GLY B 277 -7.87 -4.77 8.01
C GLY B 277 -9.27 -4.18 7.74
N VAL B 278 -9.33 -3.15 6.91
CA VAL B 278 -10.59 -2.60 6.37
C VAL B 278 -11.35 -3.78 5.75
N GLU B 279 -12.61 -3.92 6.11
CA GLU B 279 -13.38 -5.12 5.78
C GLU B 279 -13.84 -5.17 4.33
N VAL B 280 -14.26 -4.02 3.80
CA VAL B 280 -14.76 -3.91 2.44
C VAL B 280 -14.22 -2.64 1.72
N VAL B 281 -13.81 -2.78 0.47
CA VAL B 281 -13.50 -1.66 -0.41
C VAL B 281 -14.46 -1.68 -1.63
N ARG B 282 -15.01 -0.53 -1.95
CA ARG B 282 -15.92 -0.34 -3.06
C ARG B 282 -15.12 0.26 -4.20
N VAL B 283 -15.10 -0.45 -5.32
CA VAL B 283 -14.15 -0.13 -6.40
C VAL B 283 -14.75 -0.26 -7.78
N HIS B 284 -14.18 0.47 -8.75
CA HIS B 284 -14.56 0.39 -10.16
C HIS B 284 -13.85 -0.78 -10.85
N ASP B 285 -12.55 -0.87 -10.66
CA ASP B 285 -11.71 -1.90 -11.31
C ASP B 285 -11.30 -2.98 -10.33
N VAL B 286 -11.94 -4.12 -10.39
CA VAL B 286 -11.71 -5.16 -9.37
C VAL B 286 -10.30 -5.77 -9.45
N ALA B 287 -9.80 -6.01 -10.66
CA ALA B 287 -8.47 -6.72 -10.83
C ALA B 287 -7.33 -5.94 -10.15
N SER B 288 -7.27 -4.62 -10.34
CA SER B 288 -6.18 -3.81 -9.77
C SER B 288 -6.23 -3.87 -8.25
N HIS B 289 -7.46 -3.78 -7.71
CA HIS B 289 -7.67 -3.87 -6.27
C HIS B 289 -7.43 -5.24 -5.68
N ARG B 290 -7.73 -6.27 -6.46
CA ARG B 290 -7.52 -7.65 -6.06
C ARG B 290 -5.98 -7.86 -5.80
N MET B 291 -5.13 -7.32 -6.68
CA MET B 291 -3.67 -7.39 -6.50
C MET B 291 -3.26 -6.79 -5.16
N ALA B 292 -3.77 -5.60 -4.86
CA ALA B 292 -3.48 -4.92 -3.60
C ALA B 292 -3.99 -5.71 -2.37
N VAL B 293 -5.23 -6.18 -2.42
CA VAL B 293 -5.80 -6.92 -1.31
C VAL B 293 -5.03 -8.17 -0.99
N GLU B 294 -4.61 -8.89 -2.02
CA GLU B 294 -3.95 -10.17 -1.83
C GLU B 294 -2.57 -9.99 -1.16
N ILE B 295 -1.83 -8.99 -1.63
CA ILE B 295 -0.50 -8.66 -1.07
C ILE B 295 -0.65 -8.19 0.40
N ALA B 296 -1.44 -7.13 0.58
CA ALA B 296 -1.65 -6.50 1.86
C ALA B 296 -2.24 -7.43 2.91
N SER B 297 -3.21 -8.25 2.53
CA SER B 297 -3.80 -9.22 3.47
C SER B 297 -2.84 -10.35 3.87
N ALA B 298 -1.98 -10.79 2.94
CA ALA B 298 -0.96 -11.78 3.18
C ALA B 298 0.04 -11.24 4.23
N ILE B 299 0.36 -9.94 4.15
CA ILE B 299 1.22 -9.33 5.17
C ILE B 299 0.52 -9.25 6.55
N ARG B 300 -0.69 -8.69 6.55
CA ARG B 300 -1.46 -8.51 7.76
C ARG B 300 -1.69 -9.83 8.50
N LEU B 301 -1.98 -10.88 7.74
CA LEU B 301 -2.33 -12.18 8.29
C LEU B 301 -1.12 -13.11 8.38
N ALA B 302 0.11 -12.53 8.38
CA ALA B 302 1.30 -13.31 8.33
C ALA B 302 1.28 -14.31 9.49
P PO4 C . 9.53 13.86 -11.87
O1 PO4 C . 9.89 14.98 -10.84
O2 PO4 C . 10.43 14.11 -13.05
O3 PO4 C . 9.87 12.53 -11.11
O4 PO4 C . 8.03 13.90 -12.30
#